data_9B8H
#
_entry.id   9B8H
#
_cell.length_a   1.00
_cell.length_b   1.00
_cell.length_c   1.00
_cell.angle_alpha   90.00
_cell.angle_beta   90.00
_cell.angle_gamma   90.00
#
_symmetry.space_group_name_H-M   'P 1'
#
loop_
_entity.id
_entity.type
_entity.pdbx_description
1 polymer 'Cellulose synthase operon protein C'
2 branched beta-D-glucopyranose-(1-4)-beta-D-glucopyranose-(1-4)-beta-D-glucopyranose-(1-4)-beta-D-glucopyranose
#
_entity_poly.entity_id   1
_entity_poly.type   'polypeptide(L)'
_entity_poly.pdbx_seq_one_letter_code
;MHHHHHHHHVEAAPTAQQQLLEQVRLGEATHREDLVQQSLYRLELIDPNNPDVVAARFRSLLRQGDIDGAQKQLDRLSQL
APSSNAYKSSRTTMLLSTPDGRQALQQARLQATTGHAEEAVASYNKLFNGAPPEGDIAVEYWSTVAKIPARRGEAINQLK
RINADAPGNTGLQNNLALLLFSSDRRDEGFAVLEQMAKSNAGREGASKIWYGQIKDMPVSDASVSALKKYLSIFSDGDSV
AAAQSQLAEQQKQLADPAFRARAQGLAAVDSGMAGKAIPELQQAVRANPKDSEALGALGQAYSQKGDRANAVANLEKALA
LDPHSSNNDKWNSLLKVNRYWLAIQQGDAALKANNPDRAERLFQQARNVDNTDSYAVLGLGDVAMARKDYPAAERYYQQT
LRMDSGNTNAVRGLANIYRQQSPEKAEAFIASLSASQRRSIDDIERSLQNDRLAQQAEALENQGKWAQAAALQRQRLALD
PGSVWITYRLSQDLWQAGQRSQADTLMRNLAQQKSNDPEQVYAYGLYLSGHDQDRAALAHINSLPRAQWNSNIQELVNRL
QSDQVLETANRLRESGKEAEAEAMLRQQPPSTRIDLTLADWAQQRRDYTAARAAYQNVLTREPANADAILGLTEVDIAAG
DKAAARSQLAKLPATDNASLNTQRRVALAQAQLGDTAAAQRTFNKLIPQAKSQPPSMESAMVLRDGAKFEAQAGDPTQAL
ETYKDAMVASGVTTTRPQDNDTFTRLTRNDEKDDWLKRGVRSDAADLYRQQDLNVTLEHDYWGSSGTGGYSDLKAHTTML
QVDAPYSDGRMFFRSDFVNMNVGSFSTNADGKWDDNWGTCTLQDCSGNRSQSDSGASVAVGWRNDVWSWDIGTTPMGFNV
VDVVGGISYSDDIGPLGYTVNAHRRPISSSLLAFGGQKDSPSNTGKKWGGVRADGVGLSLSYDKGEANGVWASLSGDQLT
GKNVEDNWRVRWMTGYYYKVINQNNRRVTIGLNNMIWHYDKDLSGYSLGQGGYYSPQEYLSFAIPVMWRERTENWSWELG
ASGSWSHSRTKTMPRYPLMNLIPTDWQEEAARQSNDGGSSQGFGYTARALLERRVTSNWFVGTAIDIQQAKDYAPSHFLL
YVRYSAAGWQGDMDLPPQPLIPYADW
;
_entity_poly.pdbx_strand_id   A
#
# COMPACT_ATOMS: atom_id res chain seq x y z
N LEU A 560 -52.68 -8.36 -17.35
CA LEU A 560 -52.89 -6.93 -17.50
C LEU A 560 -52.24 -6.42 -18.78
N GLN A 561 -52.89 -5.44 -19.43
CA GLN A 561 -52.33 -4.85 -20.63
C GLN A 561 -51.03 -4.11 -20.33
N SER A 562 -50.98 -3.41 -19.20
CA SER A 562 -49.75 -2.74 -18.79
C SER A 562 -48.65 -3.74 -18.45
N ASP A 563 -49.03 -4.90 -17.90
CA ASP A 563 -48.03 -5.93 -17.62
C ASP A 563 -47.37 -6.43 -18.89
N GLN A 564 -48.16 -6.61 -19.96
CA GLN A 564 -47.57 -7.00 -21.24
C GLN A 564 -46.69 -5.91 -21.81
N VAL A 565 -47.04 -4.65 -21.58
CA VAL A 565 -46.19 -3.54 -22.02
C VAL A 565 -44.87 -3.54 -21.28
N LEU A 566 -44.91 -3.77 -19.97
CA LEU A 566 -43.69 -3.75 -19.16
C LEU A 566 -42.73 -4.86 -19.59
N GLU A 567 -43.24 -6.08 -19.78
CA GLU A 567 -42.38 -7.18 -20.19
C GLU A 567 -41.88 -7.00 -21.62
N THR A 568 -42.62 -6.24 -22.44
CA THR A 568 -42.15 -5.92 -23.77
C THR A 568 -40.86 -5.11 -23.72
N ALA A 569 -40.80 -4.13 -22.82
CA ALA A 569 -39.56 -3.39 -22.62
C ALA A 569 -38.49 -4.25 -21.98
N ASN A 570 -38.89 -5.17 -21.10
CA ASN A 570 -37.92 -6.07 -20.46
C ASN A 570 -37.25 -7.00 -21.46
N ARG A 571 -37.86 -7.25 -22.61
CA ARG A 571 -37.25 -8.03 -23.67
C ARG A 571 -36.37 -7.19 -24.58
N LEU A 572 -36.05 -5.96 -24.18
CA LEU A 572 -35.22 -5.07 -24.96
C LEU A 572 -33.97 -4.61 -24.21
N ARG A 573 -33.72 -5.16 -23.01
CA ARG A 573 -32.54 -4.77 -22.25
C ARG A 573 -31.24 -5.20 -22.92
N GLU A 574 -31.31 -6.10 -23.90
CA GLU A 574 -30.11 -6.46 -24.65
C GLU A 574 -29.53 -5.24 -25.37
N SER A 575 -30.40 -4.42 -25.96
CA SER A 575 -29.99 -3.15 -26.54
C SER A 575 -29.94 -2.09 -25.45
N GLY A 576 -28.96 -1.21 -25.53
CA GLY A 576 -28.78 -0.20 -24.51
C GLY A 576 -29.77 0.95 -24.55
N LYS A 577 -30.61 1.02 -25.58
CA LYS A 577 -31.57 2.10 -25.75
C LYS A 577 -32.98 1.70 -25.33
N GLU A 578 -33.11 0.81 -24.34
CA GLU A 578 -34.45 0.42 -23.90
C GLU A 578 -35.14 1.53 -23.10
N ALA A 579 -34.36 2.41 -22.48
CA ALA A 579 -34.95 3.53 -21.75
C ALA A 579 -35.68 4.48 -22.70
N GLU A 580 -35.07 4.78 -23.84
CA GLU A 580 -35.74 5.61 -24.84
C GLU A 580 -37.00 4.92 -25.36
N ALA A 581 -36.93 3.61 -25.60
CA ALA A 581 -38.11 2.88 -26.07
C ALA A 581 -39.24 2.99 -25.05
N GLU A 582 -38.93 2.82 -23.77
CA GLU A 582 -39.94 3.02 -22.73
C GLU A 582 -40.46 4.45 -22.75
N ALA A 583 -39.57 5.41 -23.01
CA ALA A 583 -39.97 6.81 -23.03
C ALA A 583 -41.01 7.07 -24.11
N MET A 584 -40.79 6.56 -25.33
CA MET A 584 -41.81 6.78 -26.36
C MET A 584 -43.04 5.89 -26.14
N LEU A 585 -42.87 4.74 -25.48
CA LEU A 585 -44.02 3.88 -25.22
C LEU A 585 -44.97 4.51 -24.20
N ARG A 586 -44.42 5.21 -23.20
CA ARG A 586 -45.23 5.78 -22.13
C ARG A 586 -45.77 7.18 -22.46
N GLN A 587 -45.84 7.55 -23.73
CA GLN A 587 -46.38 8.87 -24.09
C GLN A 587 -47.84 9.04 -23.69
N GLN A 588 -48.61 7.95 -23.60
CA GLN A 588 -49.94 7.95 -23.03
C GLN A 588 -49.85 7.91 -21.51
N PRO A 589 -50.91 8.32 -20.81
CA PRO A 589 -50.88 8.33 -19.35
C PRO A 589 -50.43 7.00 -18.78
N PRO A 590 -49.27 6.96 -18.13
CA PRO A 590 -48.67 5.69 -17.69
C PRO A 590 -48.95 5.30 -16.24
N SER A 591 -49.80 6.04 -15.53
CA SER A 591 -50.06 5.82 -14.10
C SER A 591 -48.73 6.00 -13.37
N THR A 592 -48.32 5.09 -12.49
CA THR A 592 -47.08 5.26 -11.74
C THR A 592 -46.22 4.00 -11.64
N ARG A 593 -46.74 2.82 -11.97
CA ARG A 593 -45.94 1.60 -11.83
C ARG A 593 -44.80 1.56 -12.85
N ILE A 594 -45.12 1.79 -14.13
CA ILE A 594 -44.07 1.84 -15.15
C ILE A 594 -43.18 3.05 -14.94
N ASP A 595 -43.72 4.15 -14.41
CA ASP A 595 -42.90 5.29 -14.08
C ASP A 595 -41.86 4.95 -13.02
N LEU A 596 -42.27 4.21 -11.99
CA LEU A 596 -41.31 3.76 -10.98
C LEU A 596 -40.31 2.78 -11.55
N THR A 597 -40.75 1.91 -12.47
CA THR A 597 -39.84 0.97 -13.11
C THR A 597 -38.75 1.71 -13.89
N LEU A 598 -39.15 2.70 -14.69
CA LEU A 598 -38.16 3.45 -15.45
C LEU A 598 -37.33 4.36 -14.54
N ALA A 599 -37.88 4.79 -13.40
CA ALA A 599 -37.09 5.51 -12.43
C ALA A 599 -35.99 4.63 -11.85
N ASP A 600 -36.31 3.38 -11.55
CA ASP A 600 -35.30 2.42 -11.10
C ASP A 600 -34.26 2.17 -12.19
N TRP A 601 -34.71 2.05 -13.44
CA TRP A 601 -33.78 1.89 -14.56
C TRP A 601 -32.82 3.07 -14.65
N ALA A 602 -33.35 4.29 -14.51
CA ALA A 602 -32.51 5.47 -14.54
C ALA A 602 -31.58 5.52 -13.33
N GLN A 603 -32.04 5.01 -12.19
CA GLN A 603 -31.19 4.95 -11.00
C GLN A 603 -30.01 4.02 -11.21
N GLN A 604 -30.23 2.90 -11.90
CA GLN A 604 -29.15 1.94 -12.13
C GLN A 604 -28.10 2.49 -13.08
N ARG A 605 -28.50 3.30 -14.07
CA ARG A 605 -27.60 3.82 -15.09
C ARG A 605 -27.57 5.35 -14.97
N ARG A 606 -26.46 5.89 -14.50
CA ARG A 606 -26.29 7.34 -14.35
C ARG A 606 -27.21 7.84 -13.22
N ASP A 607 -26.99 9.05 -12.73
CA ASP A 607 -27.75 9.53 -11.58
C ASP A 607 -27.96 11.04 -11.67
N TYR A 608 -28.62 11.56 -10.63
CA TYR A 608 -28.84 12.99 -10.40
C TYR A 608 -29.85 13.61 -11.37
N THR A 609 -29.42 13.90 -12.60
CA THR A 609 -30.23 14.73 -13.50
C THR A 609 -31.57 14.10 -13.87
N ALA A 610 -31.52 12.99 -14.61
CA ALA A 610 -32.78 12.33 -15.02
C ALA A 610 -33.46 11.72 -13.80
N ALA A 611 -32.68 11.30 -12.81
CA ALA A 611 -33.29 10.79 -11.58
C ALA A 611 -34.24 11.83 -10.98
N ARG A 612 -33.80 13.08 -10.91
CA ARG A 612 -34.67 14.13 -10.41
C ARG A 612 -35.77 14.47 -11.42
N ALA A 613 -35.49 14.33 -12.71
CA ALA A 613 -36.54 14.50 -13.71
C ALA A 613 -37.68 13.51 -13.49
N ALA A 614 -37.33 12.23 -13.31
CA ALA A 614 -38.34 11.23 -13.00
C ALA A 614 -38.97 11.47 -11.64
N TYR A 615 -38.20 12.02 -10.70
CA TYR A 615 -38.77 12.41 -9.40
C TYR A 615 -39.91 13.40 -9.59
N GLN A 616 -39.68 14.46 -10.37
CA GLN A 616 -40.73 15.42 -10.65
C GLN A 616 -41.89 14.78 -11.39
N ASN A 617 -41.59 13.93 -12.38
CA ASN A 617 -42.64 13.30 -13.16
C ASN A 617 -43.57 12.47 -12.29
N VAL A 618 -43.00 11.67 -11.37
CA VAL A 618 -43.81 10.87 -10.47
C VAL A 618 -44.53 11.76 -9.46
N LEU A 619 -43.80 12.70 -8.84
CA LEU A 619 -44.37 13.53 -7.79
C LEU A 619 -45.50 14.41 -8.31
N THR A 620 -45.59 14.62 -9.63
CA THR A 620 -46.72 15.35 -10.18
C THR A 620 -48.04 14.70 -9.82
N ARG A 621 -48.12 13.37 -9.92
CA ARG A 621 -49.35 12.63 -9.68
C ARG A 621 -49.08 11.40 -8.82
N GLU A 622 -48.37 11.58 -7.71
CA GLU A 622 -48.13 10.43 -6.84
C GLU A 622 -48.68 10.71 -5.44
N PRO A 623 -49.16 9.67 -4.74
CA PRO A 623 -49.58 9.80 -3.34
C PRO A 623 -48.44 9.50 -2.36
N ALA A 624 -47.30 10.16 -2.55
CA ALA A 624 -46.12 9.99 -1.71
C ALA A 624 -45.70 8.53 -1.64
N ASN A 625 -45.32 7.98 -2.79
CA ASN A 625 -44.87 6.60 -2.86
C ASN A 625 -43.57 6.42 -2.08
N ALA A 626 -43.49 5.33 -1.32
CA ALA A 626 -42.32 5.08 -0.49
C ALA A 626 -41.08 4.85 -1.33
N ASP A 627 -41.22 4.10 -2.43
CA ASP A 627 -40.05 3.76 -3.26
C ASP A 627 -39.45 5.01 -3.90
N ALA A 628 -40.30 5.90 -4.41
CA ALA A 628 -39.80 7.13 -5.04
C ALA A 628 -39.07 8.00 -4.03
N ILE A 629 -39.66 8.15 -2.85
CA ILE A 629 -39.01 8.99 -1.79
C ILE A 629 -37.67 8.35 -1.40
N LEU A 630 -37.64 7.01 -1.26
CA LEU A 630 -36.40 6.33 -0.90
C LEU A 630 -35.33 6.53 -1.97
N GLY A 631 -35.72 6.46 -3.24
CA GLY A 631 -34.78 6.77 -4.31
C GLY A 631 -34.30 8.21 -4.24
N LEU A 632 -35.19 9.13 -3.84
CA LEU A 632 -34.80 10.51 -3.65
C LEU A 632 -33.76 10.65 -2.54
N THR A 633 -33.95 9.91 -1.44
CA THR A 633 -32.94 9.94 -0.36
C THR A 633 -31.62 9.45 -0.94
N GLU A 634 -31.64 8.32 -1.64
CA GLU A 634 -30.40 7.75 -2.16
C GLU A 634 -29.70 8.72 -3.10
N VAL A 635 -30.47 9.40 -3.96
CA VAL A 635 -29.88 10.38 -4.87
C VAL A 635 -29.28 11.55 -4.10
N ASP A 636 -29.99 12.04 -3.09
CA ASP A 636 -29.48 13.15 -2.29
C ASP A 636 -28.20 12.76 -1.56
N ILE A 637 -28.14 11.54 -1.03
CA ILE A 637 -26.92 11.07 -0.39
C ILE A 637 -25.79 10.99 -1.42
N ALA A 638 -26.09 10.49 -2.61
CA ALA A 638 -25.09 10.48 -3.68
C ALA A 638 -24.68 11.90 -4.06
N ALA A 639 -25.65 12.80 -4.15
CA ALA A 639 -25.34 14.20 -4.45
C ALA A 639 -24.53 14.85 -3.35
N GLY A 640 -24.84 14.56 -2.09
CA GLY A 640 -24.12 15.13 -0.97
C GLY A 640 -24.85 16.24 -0.27
N ASP A 641 -26.15 16.06 -0.07
CA ASP A 641 -27.00 17.03 0.64
C ASP A 641 -27.57 16.34 1.87
N LYS A 642 -26.93 16.54 3.02
CA LYS A 642 -27.36 15.87 4.25
C LYS A 642 -28.76 16.33 4.67
N ALA A 643 -29.03 17.64 4.60
CA ALA A 643 -30.31 18.15 5.07
C ALA A 643 -31.46 17.66 4.19
N ALA A 644 -31.29 17.74 2.87
CA ALA A 644 -32.34 17.28 1.97
C ALA A 644 -32.58 15.78 2.10
N ALA A 645 -31.50 15.00 2.22
CA ALA A 645 -31.64 13.56 2.39
C ALA A 645 -32.35 13.23 3.70
N ARG A 646 -32.01 13.94 4.78
CA ARG A 646 -32.67 13.72 6.06
C ARG A 646 -34.15 14.07 5.98
N SER A 647 -34.48 15.18 5.31
CA SER A 647 -35.88 15.56 5.17
C SER A 647 -36.66 14.52 4.37
N GLN A 648 -36.07 14.04 3.28
CA GLN A 648 -36.74 13.02 2.47
C GLN A 648 -36.91 11.73 3.25
N LEU A 649 -35.90 11.34 4.04
CA LEU A 649 -36.02 10.15 4.87
C LEU A 649 -37.13 10.32 5.90
N ALA A 650 -37.24 11.51 6.50
CA ALA A 650 -38.35 11.79 7.40
C ALA A 650 -39.69 11.76 6.69
N LYS A 651 -39.69 12.05 5.39
CA LYS A 651 -40.92 11.99 4.60
C LYS A 651 -41.41 10.56 4.35
N LEU A 652 -40.62 9.56 4.70
CA LEU A 652 -41.05 8.18 4.51
C LEU A 652 -42.28 7.89 5.36
N PRO A 653 -43.23 7.10 4.87
CA PRO A 653 -44.42 6.76 5.66
C PRO A 653 -44.07 5.93 6.87
N ALA A 654 -45.10 5.62 7.66
CA ALA A 654 -44.93 4.83 8.87
C ALA A 654 -44.48 3.42 8.51
N THR A 655 -43.69 2.81 9.42
CA THR A 655 -43.19 1.47 9.18
C THR A 655 -44.33 0.47 9.13
N ASP A 656 -44.17 -0.55 8.29
CA ASP A 656 -45.19 -1.56 8.05
C ASP A 656 -44.48 -2.87 7.73
N ASN A 657 -45.20 -3.80 7.10
CA ASN A 657 -44.60 -5.06 6.65
C ASN A 657 -43.27 -4.82 5.95
N ALA A 658 -43.29 -4.03 4.87
CA ALA A 658 -42.09 -3.44 4.29
C ALA A 658 -41.00 -4.48 4.05
N SER A 659 -41.27 -5.33 3.06
CA SER A 659 -40.38 -6.44 2.70
C SER A 659 -38.91 -6.03 2.80
N LEU A 660 -38.11 -6.94 3.36
CA LEU A 660 -36.80 -6.62 3.94
C LEU A 660 -35.94 -5.71 3.08
N ASN A 661 -36.15 -5.73 1.76
CA ASN A 661 -35.30 -4.93 0.84
C ASN A 661 -35.41 -3.44 1.18
N THR A 662 -36.63 -2.90 1.24
CA THR A 662 -36.80 -1.46 1.45
C THR A 662 -36.35 -1.06 2.85
N GLN A 663 -36.57 -1.94 3.82
CA GLN A 663 -36.09 -1.65 5.20
C GLN A 663 -34.56 -1.55 5.16
N ARG A 664 -33.91 -2.50 4.48
CA ARG A 664 -32.46 -2.46 4.38
C ARG A 664 -31.99 -1.16 3.74
N ARG A 665 -32.65 -0.73 2.67
CA ARG A 665 -32.25 0.53 2.02
C ARG A 665 -32.43 1.71 2.96
N VAL A 666 -33.54 1.75 3.70
CA VAL A 666 -33.77 2.85 4.64
C VAL A 666 -32.72 2.84 5.75
N ALA A 667 -32.39 1.65 6.26
CA ALA A 667 -31.37 1.55 7.31
C ALA A 667 -30.01 2.00 6.80
N LEU A 668 -29.66 1.62 5.56
CA LEU A 668 -28.40 2.07 4.98
C LEU A 668 -28.39 3.59 4.83
N ALA A 669 -29.49 4.16 4.32
CA ALA A 669 -29.56 5.60 4.16
C ALA A 669 -29.40 6.32 5.50
N GLN A 670 -30.03 5.79 6.56
CA GLN A 670 -29.84 6.33 7.89
C GLN A 670 -28.38 6.20 8.34
N ALA A 671 -27.75 5.09 7.98
CA ALA A 671 -26.35 4.88 8.35
C ALA A 671 -25.44 5.94 7.73
N GLN A 672 -25.65 6.25 6.45
CA GLN A 672 -24.85 7.28 5.81
C GLN A 672 -25.36 8.68 6.07
N LEU A 673 -26.46 8.84 6.80
CA LEU A 673 -27.01 10.14 7.15
C LEU A 673 -26.77 10.50 8.62
N GLY A 674 -25.82 9.83 9.28
CA GLY A 674 -25.53 10.11 10.67
C GLY A 674 -26.65 9.75 11.63
N ASP A 675 -27.29 8.60 11.43
CA ASP A 675 -28.35 8.11 12.29
C ASP A 675 -28.05 6.69 12.75
N THR A 676 -26.82 6.48 13.24
CA THR A 676 -26.42 5.16 13.72
C THR A 676 -27.30 4.68 14.87
N ALA A 677 -27.78 5.61 15.70
CA ALA A 677 -28.62 5.28 16.85
C ALA A 677 -29.97 4.71 16.45
N ALA A 678 -30.36 4.85 15.18
CA ALA A 678 -31.60 4.28 14.69
C ALA A 678 -31.30 3.15 13.70
N ALA A 679 -30.19 3.28 12.98
CA ALA A 679 -29.79 2.22 12.07
C ALA A 679 -29.44 0.94 12.83
N GLN A 680 -28.85 1.09 14.02
CA GLN A 680 -28.56 -0.09 14.84
C GLN A 680 -29.83 -0.83 15.21
N ARG A 681 -30.87 -0.09 15.63
CA ARG A 681 -32.14 -0.72 15.96
C ARG A 681 -32.77 -1.35 14.72
N THR A 682 -32.70 -0.65 13.58
CA THR A 682 -33.28 -1.19 12.35
C THR A 682 -32.63 -2.51 11.96
N PHE A 683 -31.29 -2.57 12.04
CA PHE A 683 -30.62 -3.82 11.67
C PHE A 683 -30.80 -4.90 12.74
N ASN A 684 -30.92 -4.50 14.01
CA ASN A 684 -31.20 -5.48 15.06
C ASN A 684 -32.58 -6.09 14.90
N LYS A 685 -33.50 -5.35 14.28
CA LYS A 685 -34.79 -5.95 13.92
C LYS A 685 -34.73 -6.72 12.62
N LEU A 686 -33.85 -6.29 11.70
CA LEU A 686 -33.79 -6.91 10.35
C LEU A 686 -33.06 -8.26 10.35
N ILE A 687 -32.02 -8.42 11.16
CA ILE A 687 -31.19 -9.64 11.06
C ILE A 687 -31.91 -10.88 11.57
N PRO A 688 -32.52 -10.89 12.77
CA PRO A 688 -33.19 -12.13 13.23
C PRO A 688 -34.27 -12.62 12.31
N GLN A 689 -35.05 -11.71 11.70
CA GLN A 689 -36.09 -12.14 10.77
C GLN A 689 -35.49 -12.69 9.48
N ALA A 690 -34.37 -12.12 9.03
CA ALA A 690 -33.70 -12.62 7.83
C ALA A 690 -33.06 -13.98 8.07
N LYS A 691 -32.62 -14.24 9.30
CA LYS A 691 -31.98 -15.53 9.60
C LYS A 691 -32.96 -16.69 9.43
N SER A 692 -34.21 -16.51 9.87
CA SER A 692 -35.17 -17.60 9.81
C SER A 692 -35.57 -17.93 8.38
N GLN A 693 -35.48 -16.96 7.48
CA GLN A 693 -35.89 -17.19 6.10
C GLN A 693 -34.94 -18.18 5.41
N PRO A 694 -35.42 -18.94 4.45
CA PRO A 694 -34.57 -19.89 3.73
C PRO A 694 -33.56 -19.16 2.87
N PRO A 695 -32.49 -19.85 2.43
CA PRO A 695 -31.46 -19.17 1.63
C PRO A 695 -32.03 -18.54 0.38
N SER A 696 -31.57 -17.33 0.09
CA SER A 696 -32.01 -16.55 -1.06
C SER A 696 -30.98 -15.46 -1.33
N MET A 697 -31.35 -14.52 -2.21
CA MET A 697 -30.41 -13.42 -2.54
C MET A 697 -30.62 -12.28 -1.55
N GLU A 698 -31.86 -11.81 -1.39
CA GLU A 698 -32.10 -10.65 -0.55
C GLU A 698 -31.63 -10.90 0.88
N SER A 699 -31.89 -12.09 1.42
CA SER A 699 -31.44 -12.41 2.77
C SER A 699 -29.91 -12.39 2.86
N ALA A 700 -29.24 -12.94 1.86
CA ALA A 700 -27.77 -12.92 1.86
C ALA A 700 -27.24 -11.49 1.79
N MET A 701 -27.87 -10.67 0.94
CA MET A 701 -27.45 -9.25 0.80
C MET A 701 -27.62 -8.54 2.15
N VAL A 702 -28.77 -8.71 2.79
CA VAL A 702 -29.04 -8.00 4.04
C VAL A 702 -28.12 -8.51 5.14
N LEU A 703 -27.80 -9.81 5.17
CA LEU A 703 -26.87 -10.33 6.16
C LEU A 703 -25.48 -9.76 5.96
N ARG A 704 -25.02 -9.69 4.71
CA ARG A 704 -23.70 -9.13 4.43
C ARG A 704 -23.66 -7.66 4.81
N ASP A 705 -24.72 -6.92 4.51
CA ASP A 705 -24.75 -5.46 4.83
C ASP A 705 -24.80 -5.28 6.34
N GLY A 706 -25.51 -6.16 7.06
CA GLY A 706 -25.53 -6.08 8.50
C GLY A 706 -24.17 -6.38 9.11
N ALA A 707 -23.47 -7.37 8.55
CA ALA A 707 -22.12 -7.67 9.02
C ALA A 707 -21.19 -6.48 8.79
N LYS A 708 -21.30 -5.84 7.62
CA LYS A 708 -20.49 -4.65 7.36
C LYS A 708 -20.82 -3.53 8.35
N PHE A 709 -22.11 -3.33 8.63
CA PHE A 709 -22.50 -2.27 9.56
C PHE A 709 -21.99 -2.55 10.96
N GLU A 710 -22.08 -3.80 11.41
CA GLU A 710 -21.54 -4.16 12.72
C GLU A 710 -20.03 -3.98 12.77
N ALA A 711 -19.34 -4.27 11.66
CA ALA A 711 -17.91 -4.02 11.59
C ALA A 711 -17.62 -2.53 11.72
N GLN A 712 -18.42 -1.69 11.05
CA GLN A 712 -18.24 -0.25 11.18
C GLN A 712 -18.75 0.25 12.52
N ALA A 713 -19.68 -0.47 13.14
CA ALA A 713 -20.21 -0.07 14.44
C ALA A 713 -19.15 -0.11 15.52
N GLY A 714 -18.25 -1.09 15.45
CA GLY A 714 -17.19 -1.21 16.42
C GLY A 714 -16.97 -2.61 16.94
N ASP A 715 -18.04 -3.40 17.00
CA ASP A 715 -17.93 -4.77 17.48
C ASP A 715 -17.53 -5.70 16.34
N PRO A 716 -16.36 -6.35 16.40
CA PRO A 716 -15.97 -7.24 15.30
C PRO A 716 -16.51 -8.65 15.44
N THR A 717 -16.78 -9.07 16.69
CA THR A 717 -17.26 -10.43 16.93
C THR A 717 -18.65 -10.65 16.31
N GLN A 718 -19.54 -9.68 16.50
CA GLN A 718 -20.87 -9.79 15.92
C GLN A 718 -20.81 -9.78 14.40
N ALA A 719 -19.93 -8.95 13.83
CA ALA A 719 -19.75 -8.92 12.39
C ALA A 719 -19.24 -10.27 11.88
N LEU A 720 -18.30 -10.87 12.61
CA LEU A 720 -17.79 -12.18 12.22
C LEU A 720 -18.87 -13.25 12.27
N GLU A 721 -19.70 -13.22 13.31
CA GLU A 721 -20.79 -14.19 13.41
C GLU A 721 -21.78 -14.00 12.27
N THR A 722 -22.11 -12.74 11.95
CA THR A 722 -23.03 -12.47 10.85
C THR A 722 -22.45 -12.95 9.52
N TYR A 723 -21.15 -12.73 9.32
CA TYR A 723 -20.48 -13.19 8.10
C TYR A 723 -20.52 -14.71 8.01
N LYS A 724 -20.29 -15.39 9.14
CA LYS A 724 -20.36 -16.84 9.15
C LYS A 724 -21.76 -17.33 8.80
N ASP A 725 -22.79 -16.66 9.32
CA ASP A 725 -24.16 -17.04 9.02
C ASP A 725 -24.50 -16.78 7.55
N ALA A 726 -23.96 -15.69 6.99
CA ALA A 726 -24.40 -15.23 5.66
C ALA A 726 -24.15 -16.26 4.57
N MET A 727 -23.16 -17.12 4.80
CA MET A 727 -22.80 -18.14 3.77
C MET A 727 -23.98 -19.10 3.57
N VAL A 728 -24.75 -19.38 4.62
CA VAL A 728 -25.89 -20.29 4.52
C VAL A 728 -26.95 -19.70 3.60
N ALA A 729 -27.25 -18.41 3.74
CA ALA A 729 -28.25 -17.78 2.89
C ALA A 729 -27.76 -17.61 1.46
N SER A 730 -26.49 -17.24 1.28
CA SER A 730 -25.96 -17.01 -0.05
C SER A 730 -25.87 -18.30 -0.85
N GLY A 731 -25.39 -19.37 -0.23
CA GLY A 731 -25.25 -20.65 -0.92
C GLY A 731 -23.83 -21.16 -0.99
N VAL A 732 -22.91 -20.49 -0.29
CA VAL A 732 -21.53 -20.95 -0.25
C VAL A 732 -21.45 -22.33 0.41
N THR A 733 -22.16 -22.50 1.53
CA THR A 733 -22.19 -23.77 2.25
C THR A 733 -23.62 -24.06 2.67
N THR A 734 -23.93 -25.35 2.81
CA THR A 734 -25.23 -25.80 3.28
C THR A 734 -25.35 -25.74 4.79
N THR A 735 -24.28 -26.02 5.52
CA THR A 735 -24.29 -26.03 6.98
C THR A 735 -23.45 -24.88 7.49
N ARG A 736 -23.92 -24.25 8.56
CA ARG A 736 -23.19 -23.12 9.14
C ARG A 736 -21.84 -23.58 9.67
N PRO A 737 -20.75 -22.89 9.34
CA PRO A 737 -19.44 -23.27 9.88
C PRO A 737 -19.42 -23.17 11.40
N GLN A 738 -18.66 -24.07 12.04
CA GLN A 738 -18.59 -24.07 13.53
C GLN A 738 -17.14 -23.89 13.99
N ASP A 739 -16.20 -23.78 13.05
CA ASP A 739 -14.80 -23.68 13.41
C ASP A 739 -14.11 -22.66 12.51
N ASN A 740 -13.00 -22.13 13.00
CA ASN A 740 -12.27 -21.08 12.22
C ASN A 740 -11.70 -21.69 10.93
N ASP A 741 -11.19 -22.92 11.00
CA ASP A 741 -10.54 -23.51 9.83
C ASP A 741 -11.53 -23.64 8.68
N THR A 742 -12.74 -24.12 8.96
CA THR A 742 -13.76 -24.21 7.93
C THR A 742 -14.15 -22.83 7.41
N PHE A 743 -14.18 -21.84 8.30
CA PHE A 743 -14.48 -20.47 7.90
C PHE A 743 -13.48 -19.97 6.86
N THR A 744 -12.20 -20.07 7.19
CA THR A 744 -11.13 -19.62 6.27
C THR A 744 -11.16 -20.44 4.99
N ARG A 745 -11.42 -21.73 5.10
CA ARG A 745 -11.44 -22.59 3.92
C ARG A 745 -12.59 -22.22 2.99
N LEU A 746 -13.73 -21.81 3.55
CA LEU A 746 -14.86 -21.37 2.73
C LEU A 746 -14.68 -19.94 2.22
N THR A 747 -13.79 -19.15 2.82
CA THR A 747 -13.49 -17.83 2.28
C THR A 747 -12.67 -17.88 1.00
N ARG A 748 -12.19 -19.06 0.60
CA ARG A 748 -11.36 -19.17 -0.60
C ARG A 748 -12.15 -18.80 -1.85
N ASN A 749 -11.46 -18.21 -2.82
CA ASN A 749 -12.09 -17.76 -4.05
C ASN A 749 -12.43 -18.94 -4.95
N ASP A 750 -13.45 -18.74 -5.78
CA ASP A 750 -13.88 -19.73 -6.76
C ASP A 750 -14.12 -19.03 -8.10
N GLU A 751 -13.77 -19.71 -9.19
CA GLU A 751 -13.87 -19.12 -10.52
C GLU A 751 -15.31 -19.05 -11.02
N LYS A 752 -16.24 -19.79 -10.42
CA LYS A 752 -17.65 -19.73 -10.79
C LYS A 752 -18.45 -19.36 -9.54
N ASP A 753 -18.58 -18.05 -9.31
CA ASP A 753 -19.34 -17.54 -8.18
C ASP A 753 -20.09 -16.29 -8.61
N ASP A 754 -21.21 -16.03 -7.93
CA ASP A 754 -21.97 -14.81 -8.18
C ASP A 754 -21.23 -13.60 -7.60
N TRP A 755 -21.69 -12.41 -7.99
CA TRP A 755 -21.09 -11.19 -7.46
C TRP A 755 -21.27 -11.09 -5.95
N LEU A 756 -22.45 -11.44 -5.45
CA LEU A 756 -22.69 -11.39 -4.01
C LEU A 756 -21.82 -12.41 -3.28
N LYS A 757 -21.68 -13.62 -3.84
CA LYS A 757 -20.84 -14.63 -3.22
C LYS A 757 -19.39 -14.18 -3.17
N ARG A 758 -18.91 -13.62 -4.29
CA ARG A 758 -17.51 -13.14 -4.36
C ARG A 758 -17.32 -12.04 -3.31
N GLY A 759 -18.25 -11.08 -3.24
CA GLY A 759 -18.13 -10.00 -2.27
C GLY A 759 -18.14 -10.50 -0.84
N VAL A 760 -19.00 -11.48 -0.54
CA VAL A 760 -19.05 -12.04 0.80
C VAL A 760 -17.74 -12.72 1.15
N ARG A 761 -17.23 -13.55 0.24
CA ARG A 761 -15.92 -14.20 0.49
C ARG A 761 -14.85 -13.13 0.73
N SER A 762 -14.78 -12.11 -0.13
CA SER A 762 -13.71 -11.11 -0.03
C SER A 762 -13.79 -10.35 1.29
N ASP A 763 -14.97 -9.85 1.64
CA ASP A 763 -15.06 -9.02 2.85
C ASP A 763 -14.89 -9.86 4.10
N ALA A 764 -15.41 -11.10 4.11
CA ALA A 764 -15.19 -11.97 5.26
C ALA A 764 -13.72 -12.28 5.45
N ALA A 765 -13.01 -12.61 4.35
CA ALA A 765 -11.59 -12.89 4.45
C ALA A 765 -10.81 -11.67 4.91
N ASP A 766 -11.15 -10.48 4.38
CA ASP A 766 -10.45 -9.27 4.79
C ASP A 766 -10.67 -8.97 6.27
N LEU A 767 -11.91 -9.09 6.75
CA LEU A 767 -12.19 -8.83 8.16
C LEU A 767 -11.47 -9.84 9.05
N TYR A 768 -11.48 -11.11 8.67
CA TYR A 768 -10.80 -12.11 9.50
C TYR A 768 -9.29 -11.87 9.52
N ARG A 769 -8.71 -11.51 8.38
CA ARG A 769 -7.28 -11.20 8.34
C ARG A 769 -6.96 -9.99 9.20
N GLN A 770 -7.83 -8.98 9.17
CA GLN A 770 -7.61 -7.80 10.01
C GLN A 770 -7.71 -8.16 11.49
N GLN A 771 -8.64 -9.03 11.86
CA GLN A 771 -8.85 -9.40 13.26
C GLN A 771 -8.09 -10.68 13.57
N ASP A 772 -6.77 -10.51 13.72
CA ASP A 772 -5.91 -11.66 14.08
C ASP A 772 -4.61 -11.14 14.66
N LEU A 773 -3.86 -12.01 15.31
CA LEU A 773 -2.56 -11.71 15.90
C LEU A 773 -1.47 -12.41 15.11
N ASN A 774 -0.48 -11.64 14.65
CA ASN A 774 0.61 -12.16 13.84
C ASN A 774 1.95 -11.80 14.47
N VAL A 775 2.85 -12.77 14.54
CA VAL A 775 4.21 -12.58 15.03
C VAL A 775 5.18 -13.09 13.97
N THR A 776 6.11 -12.24 13.55
CA THR A 776 7.06 -12.57 12.51
C THR A 776 8.48 -12.31 12.98
N LEU A 777 9.40 -13.16 12.53
CA LEU A 777 10.84 -13.01 12.79
C LEU A 777 11.58 -13.20 11.49
N GLU A 778 12.43 -12.23 11.13
CA GLU A 778 13.12 -12.27 9.85
C GLU A 778 14.57 -11.84 10.04
N HIS A 779 15.48 -12.60 9.42
CA HIS A 779 16.89 -12.24 9.34
C HIS A 779 17.31 -12.22 7.88
N ASP A 780 17.86 -11.09 7.44
CA ASP A 780 18.22 -10.89 6.04
C ASP A 780 19.70 -10.51 5.95
N TYR A 781 20.37 -11.04 4.93
CA TYR A 781 21.77 -10.74 4.66
C TYR A 781 21.85 -9.81 3.45
N TRP A 782 22.46 -8.64 3.64
CA TRP A 782 22.54 -7.66 2.57
C TRP A 782 23.91 -6.99 2.61
N GLY A 783 24.37 -6.58 1.44
CA GLY A 783 25.66 -5.93 1.32
C GLY A 783 25.97 -5.64 -0.13
N SER A 784 27.15 -5.06 -0.34
CA SER A 784 27.59 -4.70 -1.68
C SER A 784 29.10 -4.73 -1.74
N SER A 785 29.63 -5.14 -2.90
CA SER A 785 31.07 -5.19 -3.10
C SER A 785 31.65 -3.79 -3.22
N GLY A 786 32.87 -3.63 -2.74
CA GLY A 786 33.53 -2.34 -2.81
C GLY A 786 34.89 -2.40 -2.16
N THR A 787 35.54 -1.24 -2.11
CA THR A 787 36.86 -1.14 -1.49
C THR A 787 36.76 -1.41 0.00
N GLY A 788 37.67 -2.24 0.51
CA GLY A 788 37.68 -2.60 1.91
C GLY A 788 37.89 -1.41 2.83
N GLY A 789 37.09 -1.32 3.89
CA GLY A 789 37.25 -0.28 4.88
C GLY A 789 36.08 0.67 5.00
N TYR A 790 35.48 1.05 3.87
CA TYR A 790 34.33 1.96 3.92
C TYR A 790 33.22 1.52 2.98
N SER A 791 33.50 0.58 2.07
CA SER A 791 32.54 0.20 1.06
C SER A 791 32.37 -1.31 0.88
N ASP A 792 33.18 -2.14 1.53
CA ASP A 792 33.02 -3.59 1.44
C ASP A 792 31.91 -4.03 2.39
N LEU A 793 30.69 -3.63 2.05
CA LEU A 793 29.55 -3.77 2.95
C LEU A 793 29.08 -5.22 3.03
N LYS A 794 28.98 -5.73 4.26
CA LYS A 794 28.39 -7.05 4.53
C LYS A 794 27.64 -6.91 5.84
N ALA A 795 26.32 -6.75 5.76
CA ALA A 795 25.49 -6.43 6.92
C ALA A 795 24.42 -7.48 7.14
N HIS A 796 24.09 -7.69 8.41
CA HIS A 796 23.03 -8.60 8.83
C HIS A 796 22.04 -7.84 9.68
N THR A 797 20.75 -8.09 9.48
CA THR A 797 19.68 -7.43 10.22
C THR A 797 18.65 -8.45 10.67
N THR A 798 18.22 -8.34 11.92
CA THR A 798 17.17 -9.18 12.49
C THR A 798 16.03 -8.30 12.94
N MET A 799 14.82 -8.60 12.49
CA MET A 799 13.64 -7.81 12.79
C MET A 799 12.55 -8.68 13.41
N LEU A 800 11.88 -8.13 14.41
CA LEU A 800 10.74 -8.77 15.05
C LEU A 800 9.55 -7.82 15.01
N GLN A 801 8.41 -8.30 14.50
CA GLN A 801 7.24 -7.47 14.32
C GLN A 801 6.00 -8.22 14.77
N VAL A 802 5.15 -7.49 15.52
CA VAL A 802 3.85 -8.05 16.02
C VAL A 802 2.71 -7.15 15.55
N ASP A 803 1.75 -7.69 14.82
CA ASP A 803 0.62 -6.93 14.27
C ASP A 803 -0.62 -7.24 15.08
N ALA A 804 -1.16 -6.23 15.76
CA ALA A 804 -2.36 -6.41 16.57
C ALA A 804 -3.50 -5.54 16.02
N PRO A 805 -4.72 -6.06 15.99
CA PRO A 805 -5.85 -5.27 15.48
C PRO A 805 -6.21 -4.14 16.42
N TYR A 806 -6.72 -3.05 15.84
CA TYR A 806 -7.14 -1.89 16.62
C TYR A 806 -8.08 -1.07 15.77
N SER A 807 -9.33 -0.94 16.21
CA SER A 807 -10.39 -0.19 15.51
C SER A 807 -10.52 -0.79 14.11
N ASP A 808 -10.47 0.02 13.05
CA ASP A 808 -10.59 -0.51 11.70
C ASP A 808 -9.26 -1.01 11.13
N GLY A 809 -8.15 -0.42 11.56
CA GLY A 809 -6.85 -0.76 11.04
C GLY A 809 -6.12 -1.78 11.90
N ARG A 810 -4.81 -1.88 11.65
CA ARG A 810 -3.93 -2.82 12.35
C ARG A 810 -2.77 -2.05 12.97
N MET A 811 -2.52 -2.30 14.25
CA MET A 811 -1.39 -1.69 14.92
C MET A 811 -0.20 -2.65 14.94
N PHE A 812 0.98 -2.12 14.64
CA PHE A 812 2.18 -2.93 14.52
C PHE A 812 3.28 -2.36 15.41
N PHE A 813 4.15 -3.26 15.88
CA PHE A 813 5.32 -2.90 16.65
C PHE A 813 6.52 -3.63 16.08
N ARG A 814 7.51 -2.88 15.59
CA ARG A 814 8.65 -3.43 14.88
C ARG A 814 9.94 -3.06 15.61
N SER A 815 10.82 -4.06 15.77
CA SER A 815 12.11 -3.86 16.40
C SER A 815 13.18 -4.56 15.57
N ASP A 816 14.20 -3.81 15.15
CA ASP A 816 15.27 -4.34 14.32
C ASP A 816 16.57 -4.42 15.12
N PHE A 817 17.49 -5.24 14.62
CA PHE A 817 18.84 -5.36 15.17
C PHE A 817 19.81 -5.50 14.00
N VAL A 818 20.59 -4.45 13.75
CA VAL A 818 21.49 -4.41 12.60
C VAL A 818 22.90 -4.79 13.04
N ASN A 819 23.70 -5.20 12.07
CA ASN A 819 25.11 -5.53 12.30
C ASN A 819 25.86 -5.17 11.02
N MET A 820 26.45 -3.97 10.99
CA MET A 820 27.10 -3.45 9.80
C MET A 820 28.59 -3.76 9.86
N ASN A 821 29.06 -4.49 8.85
CA ASN A 821 30.48 -4.79 8.70
C ASN A 821 30.92 -4.34 7.31
N VAL A 822 31.93 -3.47 7.25
CA VAL A 822 32.41 -2.90 6.00
C VAL A 822 33.85 -3.30 5.71
N GLY A 823 34.41 -4.26 6.46
CA GLY A 823 35.75 -4.70 6.20
C GLY A 823 36.79 -3.86 6.92
N SER A 824 38.04 -3.99 6.44
CA SER A 824 39.17 -3.29 7.03
C SER A 824 40.00 -2.62 5.94
N PHE A 825 40.71 -1.57 6.33
CA PHE A 825 41.54 -0.84 5.38
C PHE A 825 42.71 -1.71 4.91
N SER A 826 43.00 -1.63 3.61
CA SER A 826 44.11 -2.37 3.01
C SER A 826 45.38 -1.53 3.14
N THR A 827 45.92 -1.51 4.35
CA THR A 827 47.11 -0.72 4.63
C THR A 827 48.34 -1.39 4.00
N ASN A 828 49.13 -0.59 3.26
CA ASN A 828 50.33 -1.08 2.60
C ASN A 828 51.56 -0.22 2.86
N ALA A 829 51.38 1.07 3.17
CA ALA A 829 52.51 1.99 3.33
C ALA A 829 53.03 1.94 4.77
N ASP A 830 53.51 0.75 5.16
CA ASP A 830 54.11 0.52 6.48
C ASP A 830 53.14 0.90 7.59
N GLY A 831 52.01 0.20 7.63
CA GLY A 831 51.01 0.46 8.65
C GLY A 831 50.20 1.71 8.43
N LYS A 832 50.22 2.21 7.19
CA LYS A 832 49.47 3.45 6.86
C LYS A 832 48.67 3.25 5.57
N TRP A 833 47.53 3.92 5.45
CA TRP A 833 46.70 3.83 4.26
C TRP A 833 46.30 5.24 3.83
N ASP A 834 46.30 5.46 2.51
CA ASP A 834 45.93 6.80 1.94
C ASP A 834 44.80 6.63 0.93
N ASP A 835 43.56 6.57 1.44
CA ASP A 835 42.38 6.38 0.57
C ASP A 835 41.48 7.61 0.64
N ASN A 836 40.53 7.70 -0.28
CA ASN A 836 39.58 8.82 -0.32
C ASN A 836 38.49 8.59 0.73
N TRP A 837 38.92 8.66 1.99
CA TRP A 837 38.03 8.47 3.12
C TRP A 837 38.51 9.35 4.27
N GLY A 838 37.59 10.12 4.85
CA GLY A 838 37.97 11.02 5.92
C GLY A 838 38.97 12.05 5.42
N THR A 839 40.08 12.19 6.16
CA THR A 839 41.16 13.09 5.80
C THR A 839 42.47 12.33 5.66
N CYS A 840 42.40 11.09 5.17
CA CYS A 840 43.59 10.27 5.05
C CYS A 840 44.47 10.68 3.88
N THR A 841 43.92 11.39 2.89
CA THR A 841 44.72 11.85 1.75
C THR A 841 45.56 13.08 2.08
N LEU A 842 45.30 13.75 3.20
CA LEU A 842 46.14 14.84 3.66
C LEU A 842 47.25 14.35 4.57
N GLN A 843 46.95 13.36 5.41
CA GLN A 843 47.93 12.76 6.31
C GLN A 843 47.55 11.30 6.53
N ASP A 844 48.55 10.44 6.62
CA ASP A 844 48.31 9.01 6.73
C ASP A 844 47.51 8.69 7.99
N CYS A 845 46.58 7.74 7.86
CA CYS A 845 45.70 7.35 8.94
C CYS A 845 46.19 6.07 9.59
N SER A 846 45.92 5.93 10.89
CA SER A 846 46.33 4.76 11.63
C SER A 846 45.50 4.64 12.89
N GLY A 847 45.21 3.41 13.30
CA GLY A 847 44.52 3.14 14.55
C GLY A 847 43.18 2.45 14.42
N ASN A 848 42.37 2.87 13.44
CA ASN A 848 41.07 2.24 13.20
C ASN A 848 41.12 1.37 11.95
N ARG A 849 41.93 0.32 12.02
CA ARG A 849 42.08 -0.59 10.88
C ARG A 849 40.78 -1.31 10.57
N SER A 850 40.06 -1.75 11.60
CA SER A 850 38.80 -2.45 11.43
C SER A 850 37.64 -1.50 11.66
N GLN A 851 36.64 -1.55 10.77
CA GLN A 851 35.47 -0.71 10.84
C GLN A 851 34.23 -1.59 10.82
N SER A 852 33.50 -1.62 11.94
CA SER A 852 32.26 -2.38 12.03
C SER A 852 31.39 -1.74 13.11
N ASP A 853 30.08 -2.00 13.01
CA ASP A 853 29.15 -1.43 13.97
C ASP A 853 27.88 -2.27 14.00
N SER A 854 27.12 -2.11 15.08
CA SER A 854 25.84 -2.80 15.24
C SER A 854 24.94 -1.97 16.15
N GLY A 855 23.65 -2.23 16.05
CA GLY A 855 22.70 -1.48 16.85
C GLY A 855 21.32 -2.08 16.76
N ALA A 856 20.39 -1.46 17.50
CA ALA A 856 19.00 -1.90 17.54
C ALA A 856 18.08 -0.68 17.41
N SER A 857 16.92 -0.92 16.78
CA SER A 857 15.94 0.13 16.54
C SER A 857 14.56 -0.38 16.93
N VAL A 858 13.67 0.57 17.22
CA VAL A 858 12.29 0.27 17.61
C VAL A 858 11.35 1.15 16.80
N ALA A 859 10.27 0.56 16.30
CA ALA A 859 9.30 1.28 15.49
C ALA A 859 7.89 0.92 15.93
N VAL A 860 7.02 1.93 16.00
CA VAL A 860 5.62 1.74 16.37
C VAL A 860 4.77 2.63 15.48
N GLY A 861 3.65 2.08 15.02
CA GLY A 861 2.77 2.85 14.15
C GLY A 861 1.45 2.14 13.96
N TRP A 862 0.51 2.87 13.35
CA TRP A 862 -0.82 2.35 13.06
C TRP A 862 -1.21 2.75 11.64
N ARG A 863 -1.98 1.88 10.99
CA ARG A 863 -2.37 2.11 9.61
C ARG A 863 -3.74 1.50 9.36
N ASN A 864 -4.41 2.00 8.33
CA ASN A 864 -5.68 1.45 7.88
C ASN A 864 -5.79 1.65 6.38
N ASP A 865 -7.00 1.54 5.84
CA ASP A 865 -7.19 1.68 4.40
C ASP A 865 -7.02 3.14 3.96
N VAL A 866 -7.31 4.10 4.82
CA VAL A 866 -7.35 5.50 4.43
C VAL A 866 -6.02 6.18 4.65
N TRP A 867 -5.56 6.23 5.91
CA TRP A 867 -4.36 6.98 6.26
C TRP A 867 -3.46 6.15 7.16
N SER A 868 -2.15 6.29 6.97
CA SER A 868 -1.17 5.53 7.73
C SER A 868 -0.15 6.49 8.35
N TRP A 869 0.40 6.08 9.48
CA TRP A 869 1.43 6.85 10.16
C TRP A 869 2.29 5.91 10.99
N ASP A 870 3.53 6.34 11.22
CA ASP A 870 4.46 5.55 12.03
C ASP A 870 5.53 6.48 12.60
N ILE A 871 6.21 5.99 13.63
CA ILE A 871 7.28 6.74 14.28
C ILE A 871 8.30 5.75 14.82
N GLY A 872 9.57 6.14 14.77
CA GLY A 872 10.63 5.27 15.24
C GLY A 872 11.93 6.03 15.35
N THR A 873 12.99 5.28 15.65
CA THR A 873 14.33 5.84 15.80
C THR A 873 15.32 5.05 14.96
N THR A 874 16.42 5.71 14.61
CA THR A 874 17.49 5.03 13.87
C THR A 874 18.18 4.09 14.83
N PRO A 875 18.82 3.01 14.34
CA PRO A 875 19.44 2.00 15.21
C PRO A 875 20.33 2.59 16.30
N MET A 876 19.92 2.39 17.55
CA MET A 876 20.69 2.91 18.68
C MET A 876 21.97 2.10 18.86
N GLY A 877 23.09 2.80 18.99
CA GLY A 877 24.39 2.15 19.09
C GLY A 877 25.32 2.64 18.00
N PHE A 878 24.76 3.22 16.95
CA PHE A 878 25.56 3.79 15.88
C PHE A 878 26.17 5.12 16.33
N ASN A 879 27.09 5.63 15.51
CA ASN A 879 27.75 6.89 15.84
C ASN A 879 26.76 8.04 15.87
N VAL A 880 25.82 8.08 14.92
CA VAL A 880 24.81 9.11 14.83
C VAL A 880 23.43 8.46 14.93
N VAL A 881 22.60 8.97 15.83
CA VAL A 881 21.25 8.45 16.05
C VAL A 881 20.26 9.59 15.87
N ASP A 882 19.14 9.30 15.21
CA ASP A 882 18.10 10.29 14.94
C ASP A 882 16.74 9.63 15.02
N VAL A 883 15.72 10.47 15.23
CA VAL A 883 14.32 9.98 15.34
C VAL A 883 13.62 10.19 13.99
N VAL A 884 13.33 9.10 13.30
CA VAL A 884 12.67 9.14 12.01
C VAL A 884 11.15 9.16 12.22
N GLY A 885 10.41 9.49 11.16
CA GLY A 885 8.97 9.51 11.23
C GLY A 885 8.36 9.48 9.86
N GLY A 886 7.04 9.36 9.82
CA GLY A 886 6.33 9.33 8.55
C GLY A 886 4.84 9.40 8.76
N ILE A 887 4.15 9.73 7.67
CA ILE A 887 2.69 9.82 7.66
C ILE A 887 2.23 9.75 6.21
N SER A 888 1.02 9.23 6.00
CA SER A 888 0.51 9.05 4.66
C SER A 888 -1.01 9.16 4.66
N TYR A 889 -1.55 9.53 3.50
CA TYR A 889 -2.99 9.63 3.30
C TYR A 889 -3.33 9.10 1.91
N SER A 890 -4.47 8.42 1.80
CA SER A 890 -4.88 7.84 0.54
C SER A 890 -6.35 8.13 0.30
N ASP A 891 -6.69 8.32 -0.98
CA ASP A 891 -8.07 8.58 -1.39
C ASP A 891 -8.19 8.28 -2.87
N ASP A 892 -9.39 8.46 -3.41
CA ASP A 892 -9.66 8.19 -4.81
C ASP A 892 -10.37 9.37 -5.45
N ILE A 893 -9.94 9.72 -6.66
CA ILE A 893 -10.55 10.78 -7.45
C ILE A 893 -10.92 10.15 -8.80
N GLY A 894 -12.19 9.87 -9.00
CA GLY A 894 -12.65 9.20 -10.20
C GLY A 894 -11.99 7.85 -10.38
N PRO A 895 -11.39 7.62 -11.53
CA PRO A 895 -10.61 6.39 -11.75
C PRO A 895 -9.14 6.49 -11.36
N LEU A 896 -8.73 7.58 -10.70
CA LEU A 896 -7.34 7.80 -10.32
C LEU A 896 -7.22 7.82 -8.81
N GLY A 897 -6.26 7.07 -8.28
CA GLY A 897 -5.98 7.04 -6.86
C GLY A 897 -4.67 7.76 -6.55
N TYR A 898 -4.70 8.60 -5.52
CA TYR A 898 -3.54 9.38 -5.11
C TYR A 898 -3.21 9.10 -3.65
N THR A 899 -1.93 8.94 -3.36
CA THR A 899 -1.44 8.67 -2.01
C THR A 899 -0.35 9.68 -1.69
N VAL A 900 -0.70 10.74 -0.95
CA VAL A 900 0.30 11.71 -0.51
C VAL A 900 0.93 11.23 0.80
N ASN A 901 2.15 11.67 1.05
CA ASN A 901 2.86 11.26 2.25
C ASN A 901 3.99 12.23 2.55
N ALA A 902 4.30 12.36 3.84
CA ALA A 902 5.48 13.09 4.31
C ALA A 902 6.28 12.17 5.20
N HIS A 903 7.55 11.97 4.87
CA HIS A 903 8.36 10.94 5.52
C HIS A 903 9.72 11.48 5.91
N ARG A 904 10.32 10.86 6.91
CA ARG A 904 11.69 11.12 7.33
C ARG A 904 12.41 9.77 7.36
N ARG A 905 13.33 9.57 6.42
CA ARG A 905 14.02 8.29 6.31
C ARG A 905 15.51 8.51 6.17
N PRO A 906 16.32 7.59 6.70
CA PRO A 906 17.76 7.64 6.50
C PRO A 906 18.16 6.93 5.22
N ILE A 907 19.46 6.95 4.93
CA ILE A 907 20.03 6.28 3.77
C ILE A 907 20.81 5.07 4.26
N SER A 908 20.41 3.89 3.81
CA SER A 908 21.05 2.64 4.22
C SER A 908 22.00 2.09 3.16
N SER A 909 22.32 2.88 2.13
CA SER A 909 23.21 2.41 1.08
C SER A 909 24.63 2.20 1.56
N SER A 910 25.02 2.84 2.66
CA SER A 910 26.37 2.70 3.19
C SER A 910 26.35 2.94 4.69
N LEU A 911 27.41 2.46 5.36
CA LEU A 911 27.52 2.65 6.80
C LEU A 911 27.64 4.13 7.15
N LEU A 912 28.40 4.89 6.37
CA LEU A 912 28.56 6.32 6.63
C LEU A 912 27.23 7.05 6.50
N ALA A 913 26.42 6.69 5.50
CA ALA A 913 25.13 7.34 5.31
C ALA A 913 24.16 6.97 6.44
N PHE A 914 24.22 5.73 6.92
CA PHE A 914 23.24 5.27 7.91
C PHE A 914 23.62 5.72 9.31
N GLY A 915 24.75 5.25 9.82
CA GLY A 915 25.13 5.55 11.18
C GLY A 915 26.30 6.50 11.32
N GLY A 916 26.98 6.77 10.20
CA GLY A 916 28.13 7.65 10.23
C GLY A 916 29.37 6.99 10.79
N GLN A 917 30.52 7.39 10.28
CA GLN A 917 31.81 6.85 10.72
C GLN A 917 32.57 7.90 11.51
N LYS A 918 33.69 7.48 12.07
CA LYS A 918 34.59 8.38 12.79
C LYS A 918 35.94 8.40 12.09
N ASP A 919 36.50 9.60 11.95
CA ASP A 919 37.80 9.74 11.31
C ASP A 919 38.88 9.13 12.18
N SER A 920 40.04 8.91 11.58
CA SER A 920 41.15 8.30 12.31
C SER A 920 41.59 9.23 13.45
N PRO A 921 41.88 8.68 14.62
CA PRO A 921 42.31 9.54 15.74
C PRO A 921 43.61 10.28 15.47
N SER A 922 44.43 9.80 14.53
CA SER A 922 45.69 10.47 14.23
C SER A 922 45.46 11.82 13.56
N ASN A 923 44.57 11.87 12.57
CA ASN A 923 44.40 13.10 11.79
C ASN A 923 43.46 14.08 12.48
N THR A 924 42.17 13.73 12.59
CA THR A 924 41.19 14.59 13.21
C THR A 924 40.44 13.92 14.35
N GLY A 925 39.97 12.69 14.14
CA GLY A 925 39.14 12.03 15.14
C GLY A 925 37.79 12.67 15.34
N LYS A 926 37.10 13.02 14.25
CA LYS A 926 35.80 13.67 14.32
C LYS A 926 34.74 12.79 13.70
N LYS A 927 33.51 12.96 14.17
CA LYS A 927 32.38 12.15 13.67
C LYS A 927 31.65 12.93 12.58
N TRP A 928 31.25 12.25 11.52
CA TRP A 928 30.47 12.84 10.45
C TRP A 928 29.61 11.78 9.80
N GLY A 929 28.57 12.22 9.10
CA GLY A 929 27.66 11.31 8.44
C GLY A 929 26.26 11.36 8.99
N GLY A 930 25.54 10.24 8.92
CA GLY A 930 24.18 10.17 9.40
C GLY A 930 23.21 11.02 8.60
N VAL A 931 23.10 10.73 7.31
CA VAL A 931 22.23 11.51 6.42
C VAL A 931 20.78 11.12 6.65
N ARG A 932 19.93 12.12 6.86
CA ARG A 932 18.50 11.93 7.05
C ARG A 932 17.76 12.77 6.02
N ALA A 933 16.79 12.16 5.35
CA ALA A 933 16.04 12.81 4.28
C ALA A 933 14.63 13.12 4.78
N ASP A 934 14.30 14.41 4.85
CA ASP A 934 12.97 14.87 5.22
C ASP A 934 12.35 15.55 4.00
N GLY A 935 11.27 14.98 3.48
CA GLY A 935 10.63 15.51 2.31
C GLY A 935 9.22 14.96 2.17
N VAL A 936 8.55 15.38 1.10
CA VAL A 936 7.19 14.97 0.80
C VAL A 936 7.16 14.35 -0.59
N GLY A 937 6.12 13.56 -0.84
CA GLY A 937 5.97 12.88 -2.11
C GLY A 937 4.53 12.78 -2.51
N LEU A 938 4.29 12.75 -3.83
CA LEU A 938 2.97 12.60 -4.39
C LEU A 938 2.97 11.44 -5.37
N SER A 939 2.06 10.50 -5.18
CA SER A 939 1.97 9.30 -6.00
C SER A 939 0.59 9.20 -6.62
N LEU A 940 0.55 8.91 -7.92
CA LEU A 940 -0.70 8.73 -8.66
C LEU A 940 -0.77 7.30 -9.17
N SER A 941 -1.89 6.64 -8.94
CA SER A 941 -2.10 5.26 -9.38
C SER A 941 -3.44 5.16 -10.09
N TYR A 942 -3.49 4.26 -11.07
CA TYR A 942 -4.71 4.03 -11.85
C TYR A 942 -4.72 2.58 -12.29
N ASP A 943 -5.68 1.81 -11.79
CA ASP A 943 -5.77 0.39 -12.13
C ASP A 943 -7.18 -0.10 -11.85
N LYS A 944 -7.92 -0.43 -12.90
CA LYS A 944 -9.18 -1.15 -12.75
C LYS A 944 -9.02 -2.66 -12.93
N GLY A 945 -8.01 -3.09 -13.67
CA GLY A 945 -7.57 -4.48 -13.59
C GLY A 945 -8.14 -5.45 -14.60
N GLU A 946 -8.16 -5.08 -15.88
CA GLU A 946 -8.49 -6.05 -16.92
C GLU A 946 -7.33 -6.28 -17.90
N ALA A 947 -6.82 -5.21 -18.53
CA ALA A 947 -5.72 -5.37 -19.47
C ALA A 947 -4.75 -4.19 -19.43
N ASN A 948 -4.70 -3.43 -18.35
CA ASN A 948 -3.88 -2.24 -18.32
C ASN A 948 -3.57 -1.85 -16.87
N GLY A 949 -2.59 -0.98 -16.72
CA GLY A 949 -2.21 -0.43 -15.43
C GLY A 949 -1.14 0.64 -15.55
N VAL A 950 -1.35 1.78 -14.90
CA VAL A 950 -0.44 2.91 -15.00
C VAL A 950 -0.25 3.51 -13.61
N TRP A 951 0.99 3.80 -13.25
CA TRP A 951 1.30 4.43 -11.98
C TRP A 951 2.40 5.46 -12.17
N ALA A 952 2.44 6.44 -11.27
CA ALA A 952 3.44 7.49 -11.32
C ALA A 952 3.70 7.99 -9.90
N SER A 953 4.86 8.62 -9.71
CA SER A 953 5.24 9.11 -8.40
C SER A 953 6.26 10.23 -8.55
N LEU A 954 6.19 11.21 -7.64
CA LEU A 954 7.14 12.31 -7.61
C LEU A 954 7.40 12.67 -6.15
N SER A 955 8.67 12.89 -5.82
CA SER A 955 9.05 13.21 -4.44
C SER A 955 10.25 14.14 -4.43
N GLY A 956 10.34 14.95 -3.38
CA GLY A 956 11.47 15.82 -3.18
C GLY A 956 11.90 15.90 -1.72
N ASP A 957 13.15 15.56 -1.44
CA ASP A 957 13.67 15.51 -0.09
C ASP A 957 14.68 16.63 0.13
N GLN A 958 15.16 16.73 1.37
CA GLN A 958 16.18 17.70 1.77
C GLN A 958 17.25 16.93 2.54
N LEU A 959 18.25 16.44 1.83
CA LEU A 959 19.25 15.57 2.43
C LEU A 959 20.15 16.36 3.37
N THR A 960 20.09 16.04 4.66
CA THR A 960 20.90 16.69 5.67
C THR A 960 21.45 15.64 6.63
N GLY A 961 22.51 16.00 7.33
CA GLY A 961 23.13 15.07 8.26
C GLY A 961 24.12 15.79 9.15
N LYS A 962 24.79 15.00 10.00
CA LYS A 962 25.75 15.53 10.95
C LYS A 962 27.09 15.77 10.26
N ASN A 963 27.58 17.01 10.32
CA ASN A 963 28.87 17.39 9.76
C ASN A 963 28.97 17.02 8.28
N VAL A 964 27.88 17.26 7.55
CA VAL A 964 27.83 16.97 6.11
C VAL A 964 27.27 18.19 5.40
N GLU A 965 27.59 18.30 4.11
CA GLU A 965 27.09 19.41 3.31
C GLU A 965 25.61 19.20 3.00
N ASP A 966 24.85 20.31 3.06
CA ASP A 966 23.42 20.24 2.79
C ASP A 966 23.17 19.91 1.32
N ASN A 967 22.12 19.12 1.07
CA ASN A 967 21.79 18.70 -0.28
C ASN A 967 20.28 18.48 -0.38
N TRP A 968 19.77 18.52 -1.60
CA TRP A 968 18.36 18.27 -1.85
C TRP A 968 18.22 17.53 -3.17
N ARG A 969 17.16 16.72 -3.28
CA ARG A 969 16.92 15.92 -4.47
C ARG A 969 15.45 16.01 -4.86
N VAL A 970 15.20 15.78 -6.15
CA VAL A 970 13.84 15.76 -6.70
C VAL A 970 13.77 14.53 -7.60
N ARG A 971 13.11 13.47 -7.13
CA ARG A 971 13.00 12.22 -7.86
C ARG A 971 11.63 12.11 -8.53
N TRP A 972 11.59 11.36 -9.62
CA TRP A 972 10.37 11.15 -10.38
C TRP A 972 10.38 9.74 -10.96
N MET A 973 9.35 8.97 -10.66
CA MET A 973 9.22 7.60 -11.13
C MET A 973 7.86 7.40 -11.79
N THR A 974 7.87 6.69 -12.92
CA THR A 974 6.64 6.37 -13.62
C THR A 974 6.79 5.00 -14.26
N GLY A 975 5.65 4.36 -14.53
CA GLY A 975 5.67 3.03 -15.11
C GLY A 975 4.36 2.56 -15.67
N TYR A 976 4.45 1.88 -16.82
CA TYR A 976 3.25 1.27 -17.44
C TYR A 976 3.44 -0.23 -17.43
N TYR A 977 2.52 -0.96 -16.81
CA TYR A 977 2.58 -2.42 -16.72
C TYR A 977 1.35 -3.02 -17.37
N TYR A 978 1.57 -4.04 -18.21
CA TYR A 978 0.52 -4.70 -18.97
C TYR A 978 0.38 -6.12 -18.46
N LYS A 979 -0.83 -6.50 -18.06
CA LYS A 979 -1.10 -7.82 -17.51
C LYS A 979 -1.40 -8.79 -18.65
N VAL A 980 -0.46 -9.69 -18.93
CA VAL A 980 -0.68 -10.69 -20.02
C VAL A 980 -1.74 -11.69 -19.54
N ILE A 981 -1.66 -12.12 -18.29
CA ILE A 981 -2.67 -13.05 -17.72
C ILE A 981 -3.29 -12.39 -16.48
N ASN A 982 -4.61 -12.28 -16.42
CA ASN A 982 -5.32 -11.62 -15.33
C ASN A 982 -6.20 -12.61 -14.59
N GLN A 983 -5.66 -13.80 -14.32
CA GLN A 983 -6.38 -14.82 -13.58
C GLN A 983 -6.28 -14.53 -12.08
N ASN A 984 -7.22 -15.12 -11.33
CA ASN A 984 -7.24 -14.91 -9.88
C ASN A 984 -5.98 -15.45 -9.21
N ASN A 985 -5.53 -16.63 -9.64
CA ASN A 985 -4.37 -17.27 -9.04
C ASN A 985 -3.12 -17.19 -9.91
N ARG A 986 -3.15 -16.40 -10.99
CA ARG A 986 -2.00 -16.28 -11.87
C ARG A 986 -2.00 -14.88 -12.48
N ARG A 987 -0.87 -14.19 -12.39
CA ARG A 987 -0.74 -12.84 -12.92
C ARG A 987 0.67 -12.67 -13.48
N VAL A 988 0.76 -12.39 -14.78
CA VAL A 988 2.03 -12.15 -15.46
C VAL A 988 1.96 -10.76 -16.08
N THR A 989 2.90 -9.90 -15.70
CA THR A 989 2.92 -8.51 -16.15
C THR A 989 4.24 -8.20 -16.85
N ILE A 990 4.13 -7.55 -18.01
CA ILE A 990 5.29 -7.06 -18.76
C ILE A 990 5.03 -5.59 -19.09
N GLY A 991 5.99 -4.74 -18.78
CA GLY A 991 5.82 -3.32 -18.99
C GLY A 991 7.14 -2.57 -19.10
N LEU A 992 7.07 -1.26 -18.88
CA LEU A 992 8.22 -0.38 -19.00
C LEU A 992 8.24 0.57 -17.81
N ASN A 993 9.45 0.86 -17.31
CA ASN A 993 9.64 1.74 -16.17
C ASN A 993 10.60 2.85 -16.53
N ASN A 994 10.35 4.05 -15.99
CA ASN A 994 11.19 5.21 -16.21
C ASN A 994 11.46 5.92 -14.90
N MET A 995 12.70 6.33 -14.68
CA MET A 995 13.09 7.02 -13.46
C MET A 995 14.01 8.17 -13.80
N ILE A 996 13.73 9.35 -13.24
CA ILE A 996 14.55 10.55 -13.43
C ILE A 996 14.82 11.13 -12.06
N TRP A 997 16.09 11.27 -11.70
CA TRP A 997 16.50 11.86 -10.44
C TRP A 997 17.43 13.04 -10.69
N HIS A 998 17.48 13.96 -9.74
CA HIS A 998 18.36 15.13 -9.81
C HIS A 998 18.81 15.49 -8.41
N TYR A 999 20.12 15.55 -8.21
CA TYR A 999 20.71 15.93 -6.93
C TYR A 999 21.49 17.23 -7.10
N ASP A 1000 21.32 18.14 -6.14
CA ASP A 1000 21.97 19.44 -6.23
C ASP A 1000 23.49 19.31 -6.14
N LYS A 1001 23.98 18.48 -5.23
CA LYS A 1001 25.42 18.32 -5.01
C LYS A 1001 25.79 16.85 -5.02
N ASP A 1002 26.95 16.56 -5.61
CA ASP A 1002 27.47 15.19 -5.68
C ASP A 1002 28.28 14.91 -4.42
N LEU A 1003 27.76 14.04 -3.56
CA LEU A 1003 28.42 13.67 -2.31
C LEU A 1003 28.71 12.18 -2.25
N SER A 1004 29.05 11.58 -3.40
CA SER A 1004 29.33 10.15 -3.43
C SER A 1004 30.65 9.81 -2.76
N GLY A 1005 31.55 10.78 -2.59
CA GLY A 1005 32.81 10.50 -1.93
C GLY A 1005 32.65 10.22 -0.45
N TYR A 1006 33.61 9.49 0.09
CA TYR A 1006 33.60 9.12 1.50
C TYR A 1006 34.52 9.99 2.35
N SER A 1007 35.04 11.08 1.79
CA SER A 1007 35.89 11.98 2.55
C SER A 1007 35.07 12.76 3.57
N LEU A 1008 35.78 13.43 4.48
CA LEU A 1008 35.11 14.20 5.51
C LEU A 1008 34.31 15.34 4.89
N GLY A 1009 33.08 15.51 5.37
CA GLY A 1009 32.17 16.51 4.85
C GLY A 1009 31.20 15.99 3.81
N GLN A 1010 31.42 14.78 3.30
CA GLN A 1010 30.54 14.18 2.30
C GLN A 1010 29.76 13.02 2.92
N GLY A 1011 28.59 12.76 2.34
CA GLY A 1011 27.69 11.77 2.89
C GLY A 1011 27.95 10.35 2.40
N GLY A 1012 28.73 10.21 1.35
CA GLY A 1012 29.03 8.89 0.82
C GLY A 1012 27.82 8.15 0.28
N TYR A 1013 26.95 8.84 -0.45
CA TYR A 1013 25.77 8.24 -1.04
C TYR A 1013 25.69 8.65 -2.50
N TYR A 1014 25.12 7.76 -3.32
CA TYR A 1014 24.97 8.01 -4.75
C TYR A 1014 24.08 9.21 -5.00
N SER A 1015 24.67 10.31 -5.49
CA SER A 1015 23.95 11.56 -5.72
C SER A 1015 24.27 12.06 -7.13
N PRO A 1016 23.69 11.44 -8.16
CA PRO A 1016 23.95 11.91 -9.52
C PRO A 1016 23.22 13.22 -9.79
N GLN A 1017 23.90 14.14 -10.48
CA GLN A 1017 23.29 15.41 -10.83
C GLN A 1017 22.15 15.22 -11.82
N GLU A 1018 22.32 14.32 -12.79
CA GLU A 1018 21.28 14.02 -13.77
C GLU A 1018 21.25 12.52 -13.99
N TYR A 1019 20.10 11.90 -13.75
CA TYR A 1019 19.94 10.47 -13.88
C TYR A 1019 18.73 10.17 -14.76
N LEU A 1020 18.83 9.11 -15.56
CA LEU A 1020 17.76 8.70 -16.45
C LEU A 1020 17.87 7.20 -16.69
N SER A 1021 16.83 6.46 -16.33
CA SER A 1021 16.84 5.01 -16.44
C SER A 1021 15.57 4.51 -17.10
N PHE A 1022 15.71 3.58 -18.04
CA PHE A 1022 14.59 2.90 -18.67
C PHE A 1022 14.72 1.42 -18.41
N ALA A 1023 13.68 0.82 -17.82
CA ALA A 1023 13.71 -0.58 -17.45
C ALA A 1023 12.49 -1.30 -18.01
N ILE A 1024 12.67 -2.58 -18.32
CA ILE A 1024 11.60 -3.42 -18.85
C ILE A 1024 11.37 -4.60 -17.91
N PRO A 1025 10.53 -4.46 -16.88
CA PRO A 1025 10.35 -5.55 -15.93
C PRO A 1025 9.32 -6.57 -16.37
N VAL A 1026 9.62 -7.85 -16.16
CA VAL A 1026 8.68 -8.94 -16.42
C VAL A 1026 8.42 -9.66 -15.11
N MET A 1027 7.15 -9.82 -14.76
CA MET A 1027 6.73 -10.40 -13.49
C MET A 1027 6.01 -11.72 -13.74
N TRP A 1028 5.93 -12.52 -12.69
CA TRP A 1028 5.18 -13.78 -12.74
C TRP A 1028 4.71 -14.10 -11.33
N ARG A 1029 3.43 -13.88 -11.07
CA ARG A 1029 2.84 -14.13 -9.77
C ARG A 1029 1.86 -15.29 -9.88
N GLU A 1030 2.05 -16.30 -9.04
CA GLU A 1030 1.19 -17.47 -9.05
C GLU A 1030 1.10 -18.03 -7.65
N ARG A 1031 -0.01 -18.73 -7.39
CA ARG A 1031 -0.21 -19.33 -6.05
C ARG A 1031 -1.06 -20.60 -6.19
N THR A 1032 -0.94 -21.50 -5.23
CA THR A 1032 -1.72 -22.74 -5.19
C THR A 1032 -2.21 -22.99 -3.77
N GLU A 1033 -2.64 -24.23 -3.49
CA GLU A 1033 -3.20 -24.54 -2.18
C GLU A 1033 -2.22 -24.25 -1.05
N ASN A 1034 -0.95 -24.59 -1.23
CA ASN A 1034 0.04 -24.44 -0.18
C ASN A 1034 1.26 -23.62 -0.56
N TRP A 1035 1.48 -23.35 -1.85
CA TRP A 1035 2.67 -22.65 -2.30
C TRP A 1035 2.31 -21.31 -2.91
N SER A 1036 3.20 -20.34 -2.73
CA SER A 1036 3.05 -19.01 -3.34
C SER A 1036 4.43 -18.50 -3.69
N TRP A 1037 4.68 -18.27 -4.98
CA TRP A 1037 6.00 -17.89 -5.45
C TRP A 1037 5.88 -16.76 -6.46
N GLU A 1038 6.98 -16.03 -6.62
CA GLU A 1038 7.07 -14.97 -7.62
C GLU A 1038 8.47 -14.96 -8.20
N LEU A 1039 8.55 -15.02 -9.53
CA LEU A 1039 9.83 -15.00 -10.24
C LEU A 1039 9.78 -13.94 -11.33
N GLY A 1040 10.89 -13.23 -11.51
CA GLY A 1040 10.92 -12.19 -12.54
C GLY A 1040 12.31 -11.61 -12.70
N ALA A 1041 12.42 -10.70 -13.66
CA ALA A 1041 13.67 -10.02 -13.96
C ALA A 1041 13.34 -8.68 -14.59
N SER A 1042 14.35 -7.80 -14.65
CA SER A 1042 14.14 -6.46 -15.20
C SER A 1042 15.48 -5.94 -15.71
N GLY A 1043 15.63 -5.85 -17.03
CA GLY A 1043 16.80 -5.23 -17.62
C GLY A 1043 16.60 -3.73 -17.77
N SER A 1044 17.63 -2.97 -17.43
CA SER A 1044 17.54 -1.52 -17.39
C SER A 1044 18.72 -0.88 -18.09
N TRP A 1045 18.47 0.28 -18.69
CA TRP A 1045 19.49 1.11 -19.31
C TRP A 1045 19.50 2.46 -18.60
N SER A 1046 20.66 2.85 -18.09
CA SER A 1046 20.78 4.05 -17.27
C SER A 1046 21.89 4.95 -17.80
N HIS A 1047 21.71 6.26 -17.59
CA HIS A 1047 22.69 7.26 -17.97
C HIS A 1047 22.87 8.22 -16.81
N SER A 1048 24.11 8.41 -16.37
CA SER A 1048 24.42 9.27 -15.24
C SER A 1048 25.35 10.40 -15.67
N ARG A 1049 25.29 11.50 -14.93
CA ARG A 1049 26.12 12.67 -15.23
C ARG A 1049 26.35 13.42 -13.91
N THR A 1050 27.57 13.35 -13.40
CA THR A 1050 27.96 14.04 -12.20
C THR A 1050 28.77 15.29 -12.55
N LYS A 1051 29.02 16.12 -11.54
CA LYS A 1051 29.78 17.34 -11.70
C LYS A 1051 30.95 17.38 -10.72
N THR A 1052 31.97 18.15 -11.08
CA THR A 1052 33.14 18.27 -10.22
C THR A 1052 32.80 19.07 -8.96
N MET A 1053 33.17 18.52 -7.82
CA MET A 1053 32.93 19.16 -6.53
C MET A 1053 34.21 19.08 -5.70
N PRO A 1054 34.41 20.05 -4.80
CA PRO A 1054 35.57 19.96 -3.89
C PRO A 1054 35.44 18.76 -2.97
N ARG A 1055 36.59 18.18 -2.61
CA ARG A 1055 36.60 16.98 -1.78
C ARG A 1055 36.04 17.23 -0.39
N TYR A 1056 36.27 18.44 0.15
CA TYR A 1056 35.78 18.77 1.52
C TYR A 1056 34.89 20.01 1.47
N PRO A 1057 33.62 19.91 1.00
CA PRO A 1057 32.77 21.11 0.87
C PRO A 1057 32.74 21.97 2.12
N LEU A 1058 32.75 21.35 3.30
CA LEU A 1058 32.68 22.07 4.58
C LEU A 1058 34.10 22.15 5.12
N MET A 1059 34.67 23.36 5.08
CA MET A 1059 36.07 23.57 5.45
C MET A 1059 36.26 24.00 6.89
N ASN A 1060 35.21 23.99 7.71
CA ASN A 1060 35.33 24.41 9.11
C ASN A 1060 35.87 23.31 10.02
N LEU A 1061 35.90 22.05 9.56
CA LEU A 1061 36.38 20.96 10.39
C LEU A 1061 37.85 20.65 10.16
N ILE A 1062 38.35 20.85 8.94
CA ILE A 1062 39.73 20.51 8.59
C ILE A 1062 40.69 21.42 9.34
N PRO A 1063 41.87 20.94 9.70
CA PRO A 1063 42.83 21.79 10.40
C PRO A 1063 43.34 22.92 9.50
N THR A 1064 43.79 24.00 10.16
CA THR A 1064 44.26 25.17 9.42
C THR A 1064 45.52 24.85 8.62
N ASP A 1065 46.36 23.95 9.12
CA ASP A 1065 47.61 23.62 8.44
C ASP A 1065 47.35 22.99 7.08
N TRP A 1066 46.34 22.13 6.99
CA TRP A 1066 46.04 21.39 5.77
C TRP A 1066 45.02 22.11 4.89
N GLN A 1067 44.66 23.35 5.22
CA GLN A 1067 43.58 24.03 4.50
C GLN A 1067 43.91 24.24 3.03
N GLU A 1068 45.14 24.65 2.72
CA GLU A 1068 45.50 24.91 1.33
C GLU A 1068 45.49 23.63 0.50
N GLU A 1069 46.11 22.57 1.01
CA GLU A 1069 46.10 21.29 0.30
C GLU A 1069 44.68 20.73 0.20
N ALA A 1070 43.88 20.93 1.24
CA ALA A 1070 42.48 20.49 1.18
C ALA A 1070 41.72 21.23 0.08
N ALA A 1071 41.93 22.53 -0.05
CA ALA A 1071 41.31 23.28 -1.13
C ALA A 1071 41.80 22.83 -2.49
N ARG A 1072 43.08 22.47 -2.59
CA ARG A 1072 43.64 22.02 -3.86
C ARG A 1072 43.14 20.63 -4.27
N GLN A 1073 42.49 19.89 -3.38
CA GLN A 1073 41.94 18.58 -3.70
C GLN A 1073 40.48 18.71 -4.08
N SER A 1074 40.10 18.07 -5.19
CA SER A 1074 38.73 18.09 -5.66
C SER A 1074 38.36 16.72 -6.21
N ASN A 1075 37.07 16.39 -6.14
CA ASN A 1075 36.56 15.13 -6.67
C ASN A 1075 36.08 15.37 -8.09
N ASP A 1076 36.77 14.75 -9.06
CA ASP A 1076 36.45 14.96 -10.46
C ASP A 1076 35.10 14.34 -10.81
N GLY A 1077 34.34 15.03 -11.66
CA GLY A 1077 33.07 14.52 -12.12
C GLY A 1077 33.21 13.79 -13.45
N GLY A 1078 32.25 12.90 -13.71
CA GLY A 1078 32.26 12.12 -14.94
C GLY A 1078 30.88 11.66 -15.31
N SER A 1079 30.76 11.18 -16.55
CA SER A 1079 29.51 10.66 -17.08
C SER A 1079 29.72 9.25 -17.61
N SER A 1080 28.74 8.38 -17.38
CA SER A 1080 28.82 7.01 -17.84
C SER A 1080 27.42 6.49 -18.11
N GLN A 1081 27.34 5.48 -18.97
CA GLN A 1081 26.08 4.83 -19.31
C GLN A 1081 26.35 3.35 -19.56
N GLY A 1082 25.33 2.54 -19.34
CA GLY A 1082 25.46 1.11 -19.54
C GLY A 1082 24.15 0.41 -19.23
N PHE A 1083 24.13 -0.87 -19.54
CA PHE A 1083 22.96 -1.70 -19.32
C PHE A 1083 23.02 -2.36 -17.95
N GLY A 1084 21.87 -2.47 -17.29
CA GLY A 1084 21.78 -3.11 -16.00
C GLY A 1084 20.60 -4.05 -15.94
N TYR A 1085 20.63 -4.92 -14.93
CA TYR A 1085 19.56 -5.90 -14.76
C TYR A 1085 19.39 -6.19 -13.27
N THR A 1086 18.19 -6.64 -12.91
CA THR A 1086 17.88 -7.01 -11.54
C THR A 1086 16.95 -8.21 -11.54
N ALA A 1087 17.18 -9.13 -10.60
CA ALA A 1087 16.39 -10.34 -10.47
C ALA A 1087 15.87 -10.45 -9.05
N ARG A 1088 14.56 -10.69 -8.93
CA ARG A 1088 13.93 -10.81 -7.59
C ARG A 1088 13.04 -12.06 -7.58
N ALA A 1089 13.16 -12.88 -6.53
CA ALA A 1089 12.36 -14.09 -6.39
C ALA A 1089 11.79 -14.16 -4.99
N LEU A 1090 10.58 -14.68 -4.87
CA LEU A 1090 9.91 -14.83 -3.59
C LEU A 1090 9.31 -16.23 -3.49
N LEU A 1091 9.16 -16.70 -2.25
CA LEU A 1091 8.59 -18.01 -1.99
C LEU A 1091 7.94 -18.00 -0.60
N GLU A 1092 6.80 -18.67 -0.48
CA GLU A 1092 6.08 -18.79 0.78
C GLU A 1092 5.33 -20.10 0.82
N ARG A 1093 5.44 -20.81 1.95
CA ARG A 1093 4.76 -22.12 2.10
C ARG A 1093 4.02 -22.18 3.45
N ARG A 1094 2.76 -22.58 3.44
CA ARG A 1094 1.95 -22.72 4.68
C ARG A 1094 2.14 -24.16 5.19
N VAL A 1095 2.93 -24.34 6.23
CA VAL A 1095 3.23 -25.65 6.78
C VAL A 1095 2.03 -26.16 7.55
N THR A 1096 1.67 -25.46 8.63
CA THR A 1096 0.51 -25.78 9.44
C THR A 1096 -0.49 -24.62 9.34
N SER A 1097 -1.63 -24.65 10.03
CA SER A 1097 -2.59 -23.55 9.97
C SER A 1097 -2.14 -22.30 10.72
N ASN A 1098 -1.11 -22.39 11.55
CA ASN A 1098 -0.67 -21.27 12.36
C ASN A 1098 0.70 -20.73 11.97
N TRP A 1099 1.60 -21.57 11.48
CA TRP A 1099 2.97 -21.17 11.17
C TRP A 1099 3.18 -21.18 9.66
N PHE A 1100 3.71 -20.08 9.13
CA PHE A 1100 4.09 -19.96 7.73
C PHE A 1100 5.58 -19.64 7.63
N VAL A 1101 6.22 -20.20 6.61
CA VAL A 1101 7.64 -19.98 6.36
C VAL A 1101 7.82 -19.53 4.93
N GLY A 1102 8.84 -18.71 4.69
CA GLY A 1102 9.12 -18.23 3.35
C GLY A 1102 10.48 -17.59 3.27
N THR A 1103 10.90 -17.33 2.04
CA THR A 1103 12.20 -16.71 1.78
C THR A 1103 12.12 -15.91 0.48
N ALA A 1104 13.05 -14.98 0.32
CA ALA A 1104 13.12 -14.17 -0.88
C ALA A 1104 14.56 -13.74 -1.13
N ILE A 1105 14.92 -13.64 -2.41
CA ILE A 1105 16.25 -13.23 -2.82
C ILE A 1105 16.11 -12.06 -3.79
N ASP A 1106 16.87 -11.00 -3.54
CA ASP A 1106 16.85 -9.80 -4.39
C ASP A 1106 18.26 -9.56 -4.89
N ILE A 1107 18.41 -9.45 -6.20
CA ILE A 1107 19.70 -9.18 -6.85
C ILE A 1107 19.61 -7.83 -7.55
N GLN A 1108 20.50 -6.91 -7.19
CA GLN A 1108 20.51 -5.57 -7.75
C GLN A 1108 21.81 -5.35 -8.50
N GLN A 1109 21.72 -5.23 -9.82
CA GLN A 1109 22.87 -4.96 -10.69
C GLN A 1109 22.50 -3.89 -11.71
N ALA A 1110 21.82 -2.84 -11.27
CA ALA A 1110 21.35 -1.78 -12.14
C ALA A 1110 22.26 -0.55 -12.12
N LYS A 1111 23.49 -0.69 -11.64
CA LYS A 1111 24.52 0.35 -11.67
C LYS A 1111 24.20 1.46 -10.67
N ASP A 1112 23.03 1.39 -10.04
CA ASP A 1112 22.60 2.39 -9.07
C ASP A 1112 23.15 2.13 -7.67
N TYR A 1113 24.14 1.25 -7.53
CA TYR A 1113 24.78 0.92 -6.26
C TYR A 1113 23.79 0.37 -5.24
N ALA A 1114 22.71 -0.26 -5.69
CA ALA A 1114 21.74 -0.84 -4.78
C ALA A 1114 22.26 -2.16 -4.24
N PRO A 1115 22.30 -2.36 -2.92
CA PRO A 1115 22.76 -3.64 -2.38
C PRO A 1115 21.76 -4.75 -2.63
N SER A 1116 22.28 -5.97 -2.72
CA SER A 1116 21.44 -7.15 -2.88
C SER A 1116 20.89 -7.61 -1.54
N HIS A 1117 19.74 -8.29 -1.59
CA HIS A 1117 19.04 -8.70 -0.38
C HIS A 1117 18.67 -10.18 -0.47
N PHE A 1118 18.99 -10.91 0.61
CA PHE A 1118 18.59 -12.33 0.73
C PHE A 1118 17.95 -12.44 2.11
N LEU A 1119 16.67 -12.83 2.19
CA LEU A 1119 15.93 -12.81 3.45
C LEU A 1119 15.20 -14.13 3.66
N LEU A 1120 15.06 -14.52 4.92
CA LEU A 1120 14.27 -15.66 5.34
C LEU A 1120 13.44 -15.25 6.54
N TYR A 1121 12.19 -15.70 6.59
CA TYR A 1121 11.28 -15.28 7.66
C TYR A 1121 10.27 -16.38 7.94
N VAL A 1122 9.71 -16.35 9.15
CA VAL A 1122 8.67 -17.26 9.60
C VAL A 1122 7.55 -16.45 10.22
N ARG A 1123 6.32 -16.75 9.83
CA ARG A 1123 5.14 -16.02 10.29
C ARG A 1123 4.26 -16.92 11.12
N TYR A 1124 3.79 -16.40 12.25
CA TYR A 1124 2.91 -17.12 13.17
C TYR A 1124 1.55 -16.42 13.18
N SER A 1125 0.49 -17.20 12.96
CA SER A 1125 -0.87 -16.70 13.00
C SER A 1125 -1.59 -17.33 14.19
N ALA A 1126 -2.12 -16.49 15.07
CA ALA A 1126 -2.79 -16.99 16.27
C ALA A 1126 -4.12 -17.65 15.93
N ALA A 1127 -4.92 -16.98 15.10
CA ALA A 1127 -6.25 -17.50 14.77
C ALA A 1127 -6.14 -18.75 13.91
N GLY A 1128 -5.33 -18.71 12.86
CA GLY A 1128 -5.20 -19.83 11.95
C GLY A 1128 -5.81 -19.54 10.59
N TRP A 1129 -4.95 -19.37 9.58
CA TRP A 1129 -5.39 -19.00 8.24
C TRP A 1129 -5.19 -20.20 7.31
N GLN A 1130 -6.29 -20.75 6.80
CA GLN A 1130 -6.26 -21.79 5.79
C GLN A 1130 -6.82 -21.31 4.46
N GLY A 1131 -6.92 -20.00 4.26
CA GLY A 1131 -7.49 -19.44 3.06
C GLY A 1131 -6.47 -19.26 1.96
N ASP A 1132 -6.81 -18.38 1.02
CA ASP A 1132 -5.96 -18.13 -0.13
C ASP A 1132 -4.65 -17.46 0.30
N MET A 1133 -3.56 -17.86 -0.35
CA MET A 1133 -2.26 -17.30 -0.03
C MET A 1133 -2.13 -15.88 -0.58
N ASP A 1134 -1.13 -15.17 -0.04
CA ASP A 1134 -0.93 -13.76 -0.41
C ASP A 1134 -0.34 -13.63 -1.82
N LEU A 1135 -0.93 -12.76 -2.63
CA LEU A 1135 -0.44 -12.48 -3.98
C LEU A 1135 -0.08 -11.01 -4.09
N PRO A 1136 1.20 -10.65 -4.05
CA PRO A 1136 2.38 -11.51 -3.87
C PRO A 1136 2.64 -11.83 -2.40
N PRO A 1137 3.56 -12.74 -2.09
CA PRO A 1137 3.97 -12.92 -0.69
C PRO A 1137 4.55 -11.62 -0.14
N GLN A 1138 4.30 -11.39 1.14
CA GLN A 1138 4.67 -10.11 1.75
C GLN A 1138 5.75 -10.29 2.81
N PRO A 1139 7.02 -10.13 2.46
CA PRO A 1139 8.08 -10.14 3.47
C PRO A 1139 8.18 -8.79 4.16
N LEU A 1140 8.87 -8.81 5.31
CA LEU A 1140 9.05 -7.58 6.08
C LEU A 1140 10.06 -6.68 5.41
N ILE A 1141 9.60 -5.55 4.90
CA ILE A 1141 10.51 -4.55 4.32
C ILE A 1141 11.35 -3.95 5.43
N PRO A 1142 12.66 -3.80 5.25
CA PRO A 1142 13.49 -3.19 6.31
C PRO A 1142 13.02 -1.78 6.64
N TYR A 1143 13.14 -1.43 7.92
CA TYR A 1143 12.63 -0.14 8.38
C TYR A 1143 13.33 1.02 7.69
N ALA A 1144 14.65 0.89 7.47
CA ALA A 1144 15.38 1.94 6.76
C ALA A 1144 14.91 2.09 5.32
N ASP A 1145 14.41 1.01 4.72
CA ASP A 1145 13.97 1.02 3.34
C ASP A 1145 12.55 1.55 3.16
N TRP A 1146 11.86 1.86 4.25
CA TRP A 1146 10.49 2.37 4.16
C TRP A 1146 10.48 3.80 3.63
#